data_5ZBE
#
_entry.id   5ZBE
#
_cell.length_a   34.770
_cell.length_b   62.133
_cell.length_c   87.401
_cell.angle_alpha   90.00
_cell.angle_beta   90.00
_cell.angle_gamma   90.00
#
_symmetry.space_group_name_H-M   'P 21 21 21'
#
loop_
_entity.id
_entity.type
_entity.pdbx_description
1 polymer 'Cupin domain protein'
2 non-polymer 'FE (II) ION'
3 non-polymer 'TRIETHYLENE GLYCOL'
4 water water
#
_entity_poly.entity_id   1
_entity_poly.type   'polypeptide(L)'
_entity_poly.pdbx_seq_one_letter_code
;MSEFFPVPKPIKLNPHVELEVFQCQDTIFQLSVIAPNAKLESHQHPESQIGMVLSGELELYIKDVIKPLRALQDIHVADA
NVSHGFVNPLSEPMIGFDLKRITSSLPSEDVVLTLSNNQDKITHLPCQSVKGSWFEIVMMKIPSGYSIPPHQGEQEEIGF
ILNGKLEIFIENEEQCLEYGQIYYAPSKVLKKGYNSSNQDINLIKILILEHHHHHH
;
_entity_poly.pdbx_strand_id   A
#
loop_
_chem_comp.id
_chem_comp.type
_chem_comp.name
_chem_comp.formula
FE2 non-polymer 'FE (II) ION' 'Fe 2'
PGE non-polymer 'TRIETHYLENE GLYCOL' 'C6 H14 O4'
#
# COMPACT_ATOMS: atom_id res chain seq x y z
N SER A 2 7.39 -7.73 14.88
CA SER A 2 6.21 -8.18 15.68
C SER A 2 5.01 -8.27 14.77
N GLU A 3 3.88 -8.77 15.25
CA GLU A 3 2.69 -8.83 14.42
C GLU A 3 2.28 -7.43 13.97
N PHE A 4 2.28 -6.47 14.89
CA PHE A 4 1.78 -5.14 14.58
C PHE A 4 2.80 -4.27 13.87
N PHE A 5 4.07 -4.57 14.07
CA PHE A 5 5.18 -3.83 13.42
C PHE A 5 6.15 -4.83 12.78
N PRO A 6 5.72 -5.45 11.66
CA PRO A 6 6.46 -6.56 11.06
C PRO A 6 7.84 -6.17 10.54
N VAL A 7 8.82 -7.02 10.83
CA VAL A 7 10.17 -6.87 10.34
C VAL A 7 10.20 -7.46 8.93
N PRO A 8 10.69 -6.67 7.97
CA PRO A 8 10.70 -7.20 6.61
C PRO A 8 11.88 -8.10 6.34
N LYS A 9 11.73 -8.93 5.32
CA LYS A 9 12.81 -9.77 4.82
C LYS A 9 13.24 -9.15 3.47
N PRO A 10 14.54 -8.80 3.33
CA PRO A 10 15.02 -8.30 2.06
C PRO A 10 15.21 -9.43 1.07
N ILE A 11 14.76 -9.22 -0.17
CA ILE A 11 14.94 -10.22 -1.21
C ILE A 11 15.53 -9.52 -2.42
N LYS A 12 16.71 -10.00 -2.86
CA LYS A 12 17.26 -9.57 -4.14
C LYS A 12 16.70 -10.52 -5.16
N LEU A 13 15.68 -10.07 -5.88
CA LEU A 13 14.92 -10.91 -6.80
C LEU A 13 15.76 -11.20 -8.04
N ASN A 14 16.40 -10.16 -8.55
CA ASN A 14 17.29 -10.24 -9.71
C ASN A 14 18.12 -8.96 -9.69
N PRO A 15 19.04 -8.80 -10.65
CA PRO A 15 19.91 -7.63 -10.50
C PRO A 15 19.25 -6.27 -10.70
N HIS A 16 17.99 -6.24 -11.14
CA HIS A 16 17.26 -5.01 -11.32
C HIS A 16 16.08 -4.80 -10.35
N VAL A 17 15.86 -5.76 -9.43
CA VAL A 17 14.67 -5.73 -8.55
C VAL A 17 15.03 -6.17 -7.13
N GLU A 18 14.81 -5.25 -6.19
CA GLU A 18 15.05 -5.47 -4.78
C GLU A 18 13.74 -5.30 -4.04
N LEU A 19 13.45 -6.22 -3.14
CA LEU A 19 12.20 -6.25 -2.39
C LEU A 19 12.42 -6.23 -0.90
N GLU A 20 11.45 -5.66 -0.17
CA GLU A 20 11.36 -5.81 1.28
C GLU A 20 9.97 -6.38 1.52
N VAL A 21 9.92 -7.59 2.09
CA VAL A 21 8.71 -8.40 2.14
C VAL A 21 8.23 -8.52 3.57
N PHE A 22 7.00 -8.08 3.82
CA PHE A 22 6.40 -8.05 5.15
C PHE A 22 5.19 -9.01 5.15
N GLN A 23 5.07 -9.85 6.16
CA GLN A 23 3.86 -10.63 6.27
C GLN A 23 2.92 -10.02 7.30
N CYS A 24 1.66 -9.87 6.89
CA CYS A 24 0.60 -9.31 7.72
C CYS A 24 -0.55 -10.31 7.75
N GLN A 25 -0.41 -11.33 8.55
CA GLN A 25 -1.32 -12.47 8.52
C GLN A 25 -1.53 -13.02 7.10
N ASP A 26 -2.73 -12.90 6.57
CA ASP A 26 -3.04 -13.51 5.25
C ASP A 26 -2.66 -12.64 4.07
N THR A 27 -2.06 -11.49 4.36
CA THR A 27 -1.61 -10.56 3.35
C THR A 27 -0.08 -10.45 3.35
N ILE A 28 0.50 -10.47 2.16
CA ILE A 28 1.93 -10.16 1.99
C ILE A 28 2.04 -8.77 1.42
N PHE A 29 2.83 -7.91 2.07
CA PHE A 29 3.05 -6.55 1.64
C PHE A 29 4.50 -6.43 1.25
N GLN A 30 4.77 -5.81 0.12
CA GLN A 30 6.17 -5.57 -0.19
C GLN A 30 6.48 -4.21 -0.77
N LEU A 31 7.62 -3.68 -0.39
CA LEU A 31 8.17 -2.48 -1.00
C LEU A 31 9.17 -2.97 -2.04
N SER A 32 9.10 -2.38 -3.22
CA SER A 32 9.93 -2.80 -4.32
C SER A 32 10.71 -1.64 -4.86
N VAL A 33 11.92 -1.94 -5.36
CA VAL A 33 12.72 -0.93 -6.03
C VAL A 33 13.12 -1.55 -7.36
N ILE A 34 12.62 -1.00 -8.47
CA ILE A 34 12.94 -1.47 -9.83
C ILE A 34 13.91 -0.50 -10.47
N ALA A 35 15.02 -1.05 -10.99
CA ALA A 35 16.10 -0.21 -11.53
C ALA A 35 15.66 0.61 -12.75
N PRO A 36 16.38 1.72 -13.03
CA PRO A 36 16.11 2.46 -14.25
C PRO A 36 15.91 1.56 -15.47
N ASN A 37 14.88 1.83 -16.23
CA ASN A 37 14.59 1.17 -17.51
C ASN A 37 14.40 -0.33 -17.44
N ALA A 38 14.10 -0.86 -16.26
CA ALA A 38 14.04 -2.29 -16.06
C ALA A 38 12.63 -2.83 -16.07
N LYS A 39 12.50 -4.14 -15.90
CA LYS A 39 11.24 -4.84 -15.95
C LYS A 39 11.01 -5.79 -14.79
N LEU A 40 9.75 -6.05 -14.48
CA LEU A 40 9.36 -7.15 -13.66
C LEU A 40 8.54 -8.02 -14.62
N GLU A 41 9.09 -9.18 -14.99
CA GLU A 41 8.52 -9.97 -16.11
C GLU A 41 7.12 -10.48 -15.74
N SER A 42 6.27 -10.68 -16.75
CA SER A 42 4.87 -11.04 -16.52
CA SER A 42 4.87 -11.03 -16.53
C SER A 42 4.73 -12.39 -15.83
N HIS A 43 3.75 -12.49 -14.95
CA HIS A 43 3.49 -13.75 -14.28
C HIS A 43 2.06 -13.81 -13.81
N GLN A 44 1.68 -14.95 -13.25
CA GLN A 44 0.40 -15.06 -12.60
C GLN A 44 0.54 -15.83 -11.30
N HIS A 45 -0.39 -15.60 -10.39
CA HIS A 45 -0.42 -16.31 -9.11
C HIS A 45 -1.83 -16.27 -8.53
N PRO A 46 -2.17 -17.23 -7.67
CA PRO A 46 -3.52 -17.31 -7.13
C PRO A 46 -3.91 -16.13 -6.25
N GLU A 47 -2.93 -15.51 -5.60
CA GLU A 47 -3.22 -14.29 -4.81
C GLU A 47 -3.62 -13.16 -5.73
N SER A 48 -4.64 -12.42 -5.31
CA SER A 48 -4.97 -11.12 -5.88
C SER A 48 -3.90 -10.13 -5.49
N GLN A 49 -3.69 -9.11 -6.32
CA GLN A 49 -2.62 -8.13 -6.08
C GLN A 49 -3.05 -6.72 -6.39
N ILE A 50 -2.65 -5.79 -5.52
CA ILE A 50 -2.82 -4.37 -5.76
C ILE A 50 -1.54 -3.67 -5.43
N GLY A 51 -1.36 -2.48 -5.95
CA GLY A 51 -0.16 -1.72 -5.62
C GLY A 51 -0.14 -0.34 -6.23
N MET A 52 0.85 0.45 -5.80
CA MET A 52 1.07 1.80 -6.30
CA MET A 52 1.03 1.82 -6.27
C MET A 52 2.52 2.13 -6.45
N VAL A 53 2.80 3.03 -7.37
CA VAL A 53 4.12 3.63 -7.46
C VAL A 53 4.21 4.73 -6.40
N LEU A 54 5.31 4.74 -5.65
CA LEU A 54 5.56 5.81 -4.68
C LEU A 54 6.48 6.90 -5.24
N SER A 55 7.46 6.48 -6.04
CA SER A 55 8.38 7.41 -6.69
C SER A 55 8.69 6.85 -8.07
N GLY A 56 8.67 7.72 -9.08
CA GLY A 56 8.92 7.29 -10.45
C GLY A 56 7.65 7.02 -11.22
N GLU A 57 7.71 6.07 -12.14
CA GLU A 57 6.58 5.78 -13.00
C GLU A 57 6.70 4.32 -13.43
N LEU A 58 5.57 3.74 -13.79
CA LEU A 58 5.56 2.34 -14.21
C LEU A 58 4.53 2.16 -15.34
N GLU A 59 4.77 1.19 -16.22
CA GLU A 59 3.78 0.76 -17.19
C GLU A 59 3.34 -0.64 -16.78
N LEU A 60 2.03 -0.79 -16.59
CA LEU A 60 1.40 -2.05 -16.24
C LEU A 60 1.00 -2.78 -17.53
N TYR A 61 1.53 -3.98 -17.72
CA TYR A 61 1.12 -4.89 -18.78
C TYR A 61 0.17 -5.90 -18.15
N ILE A 62 -1.11 -5.79 -18.49
CA ILE A 62 -2.12 -6.65 -17.90
C ILE A 62 -3.17 -6.95 -18.93
N LYS A 63 -3.65 -8.19 -18.91
CA LYS A 63 -4.57 -8.65 -19.92
C LYS A 63 -3.96 -8.25 -21.26
N ASP A 64 -4.69 -7.57 -22.13
CA ASP A 64 -4.17 -7.23 -23.46
C ASP A 64 -3.79 -5.77 -23.61
N VAL A 65 -3.52 -5.10 -22.51
CA VAL A 65 -3.34 -3.66 -22.54
C VAL A 65 -2.12 -3.24 -21.78
N ILE A 66 -1.75 -1.97 -21.97
CA ILE A 66 -0.71 -1.33 -21.18
C ILE A 66 -1.34 -0.12 -20.49
N LYS A 67 -1.16 0.00 -19.18
CA LYS A 67 -1.69 1.14 -18.43
C LYS A 67 -0.56 1.87 -17.74
N PRO A 68 -0.45 3.18 -17.96
CA PRO A 68 0.56 3.91 -17.20
C PRO A 68 0.13 4.08 -15.74
N LEU A 69 1.10 3.97 -14.84
CA LEU A 69 0.87 4.14 -13.40
C LEU A 69 1.68 5.35 -12.91
N ARG A 70 0.98 6.35 -12.39
CA ARG A 70 1.62 7.56 -11.89
C ARG A 70 1.85 7.49 -10.39
N ALA A 71 2.95 8.08 -9.95
CA ALA A 71 3.32 8.03 -8.55
C ALA A 71 2.23 8.67 -7.70
N LEU A 72 1.83 7.95 -6.66
CA LEU A 72 0.91 8.44 -5.63
C LEU A 72 -0.49 8.74 -6.15
N GLN A 73 -0.84 8.16 -7.29
CA GLN A 73 -2.12 8.42 -7.92
C GLN A 73 -2.89 7.17 -8.34
N ASP A 74 -2.20 6.28 -9.05
CA ASP A 74 -2.86 5.13 -9.64
C ASP A 74 -2.58 3.86 -8.85
N ILE A 75 -3.55 2.97 -8.84
CA ILE A 75 -3.32 1.67 -8.22
CA ILE A 75 -3.44 1.66 -8.19
C ILE A 75 -3.60 0.57 -9.25
N HIS A 76 -2.68 -0.38 -9.37
CA HIS A 76 -2.90 -1.53 -10.23
C HIS A 76 -3.70 -2.56 -9.51
N VAL A 77 -4.49 -3.30 -10.27
CA VAL A 77 -5.39 -4.28 -9.69
C VAL A 77 -5.34 -5.53 -10.55
N ALA A 78 -4.68 -6.56 -10.03
CA ALA A 78 -4.55 -7.84 -10.75
C ALA A 78 -5.31 -8.89 -9.97
N ASP A 79 -6.43 -9.34 -10.52
CA ASP A 79 -7.24 -10.37 -9.84
C ASP A 79 -6.53 -11.72 -9.92
N ALA A 80 -7.09 -12.70 -9.20
CA ALA A 80 -6.48 -14.03 -9.09
C ALA A 80 -6.12 -14.61 -10.46
N ASN A 81 -4.86 -15.04 -10.59
CA ASN A 81 -4.31 -15.66 -11.80
C ASN A 81 -4.34 -14.82 -13.08
N VAL A 82 -4.56 -13.52 -12.96
CA VAL A 82 -4.49 -12.61 -14.09
C VAL A 82 -3.01 -12.31 -14.34
N SER A 83 -2.57 -12.53 -15.58
CA SER A 83 -1.18 -12.24 -15.93
CA SER A 83 -1.18 -12.26 -15.96
C SER A 83 -0.91 -10.75 -15.86
N HIS A 84 0.18 -10.38 -15.19
CA HIS A 84 0.58 -8.98 -15.07
C HIS A 84 2.09 -8.84 -15.00
N GLY A 85 2.60 -7.78 -15.60
CA GLY A 85 4.03 -7.46 -15.57
C GLY A 85 4.18 -5.96 -15.61
N PHE A 86 5.40 -5.49 -15.45
CA PHE A 86 5.69 -4.08 -15.38
C PHE A 86 6.95 -3.68 -16.12
N VAL A 87 6.94 -2.48 -16.69
CA VAL A 87 8.13 -1.86 -17.26
C VAL A 87 8.37 -0.50 -16.60
N ASN A 88 9.60 -0.24 -16.19
CA ASN A 88 9.97 1.10 -15.73
C ASN A 88 10.42 1.91 -16.95
N PRO A 89 9.64 2.92 -17.37
CA PRO A 89 9.98 3.73 -18.57
C PRO A 89 11.00 4.84 -18.33
N LEU A 90 11.41 5.05 -17.08
CA LEU A 90 12.29 6.17 -16.75
C LEU A 90 13.71 5.72 -16.47
N SER A 91 14.63 6.68 -16.60
CA SER A 91 16.04 6.52 -16.19
C SER A 91 16.24 6.77 -14.69
N GLU A 92 15.15 6.76 -13.93
CA GLU A 92 15.22 6.84 -12.48
C GLU A 92 14.62 5.57 -11.91
N PRO A 93 15.05 5.16 -10.70
CA PRO A 93 14.43 3.95 -10.12
C PRO A 93 12.95 4.16 -9.87
N MET A 94 12.20 3.07 -9.83
CA MET A 94 10.79 3.09 -9.46
C MET A 94 10.72 2.45 -8.07
N ILE A 95 10.18 3.21 -7.11
CA ILE A 95 9.94 2.66 -5.79
C ILE A 95 8.44 2.55 -5.63
N GLY A 96 7.96 1.38 -5.26
CA GLY A 96 6.52 1.14 -5.16
C GLY A 96 6.20 0.12 -4.09
N PHE A 97 4.92 -0.17 -3.95
CA PHE A 97 4.49 -1.23 -3.04
C PHE A 97 3.43 -2.05 -3.70
N ASP A 98 3.31 -3.28 -3.23
CA ASP A 98 2.17 -4.11 -3.57
C ASP A 98 1.73 -5.00 -2.40
N LEU A 99 0.47 -5.42 -2.47
CA LEU A 99 -0.09 -6.34 -1.50
C LEU A 99 -0.64 -7.52 -2.26
N LYS A 100 -0.39 -8.71 -1.75
CA LYS A 100 -0.90 -9.97 -2.30
C LYS A 100 -1.71 -10.71 -1.23
N ARG A 101 -2.89 -11.19 -1.62
CA ARG A 101 -3.80 -11.88 -0.69
C ARG A 101 -4.72 -12.79 -1.49
N ILE A 102 -4.98 -14.00 -0.98
CA ILE A 102 -6.02 -14.83 -1.56
C ILE A 102 -7.36 -14.23 -1.14
N THR A 103 -8.14 -13.84 -2.13
CA THR A 103 -9.41 -13.20 -1.88
C THR A 103 -10.52 -14.06 -2.45
N SER A 104 -11.73 -13.90 -1.92
N SER A 104 -11.72 -13.89 -1.91
CA SER A 104 -12.91 -14.55 -2.48
CA SER A 104 -12.91 -14.52 -2.45
C SER A 104 -13.92 -13.47 -2.83
C SER A 104 -13.90 -13.43 -2.78
N SER A 105 -13.53 -12.59 -3.74
CA SER A 105 -14.35 -11.46 -4.15
CA SER A 105 -14.39 -11.50 -4.15
C SER A 105 -14.69 -11.63 -5.63
N LEU A 106 -15.78 -11.03 -6.07
CA LEU A 106 -16.10 -11.00 -7.49
C LEU A 106 -15.07 -10.16 -8.23
N PRO A 107 -14.88 -10.41 -9.54
CA PRO A 107 -13.82 -9.70 -10.25
C PRO A 107 -14.00 -8.20 -10.26
N SER A 108 -12.87 -7.50 -10.25
CA SER A 108 -12.82 -6.06 -10.34
C SER A 108 -13.22 -5.63 -11.73
N GLU A 109 -13.98 -4.55 -11.80
CA GLU A 109 -14.33 -3.95 -13.09
C GLU A 109 -13.12 -3.30 -13.75
N ASP A 110 -12.14 -2.89 -12.95
CA ASP A 110 -10.98 -2.13 -13.43
C ASP A 110 -9.66 -2.82 -13.13
N VAL A 111 -8.70 -2.67 -14.06
CA VAL A 111 -7.31 -3.11 -13.80
C VAL A 111 -6.46 -1.96 -13.23
N VAL A 112 -6.97 -0.74 -13.35
CA VAL A 112 -6.31 0.41 -12.72
CA VAL A 112 -6.33 0.39 -12.70
C VAL A 112 -7.37 1.31 -12.08
N LEU A 113 -7.05 1.79 -10.89
CA LEU A 113 -7.88 2.72 -10.16
C LEU A 113 -7.08 3.98 -9.88
N THR A 114 -7.78 5.08 -9.58
CA THR A 114 -7.12 6.35 -9.30
C THR A 114 -7.70 6.92 -8.02
N LEU A 115 -6.83 7.38 -7.14
CA LEU A 115 -7.26 8.06 -5.91
C LEU A 115 -7.99 9.36 -6.26
N SER A 116 -9.07 9.65 -5.54
CA SER A 116 -9.76 10.94 -5.71
C SER A 116 -10.02 11.55 -4.33
N ASN A 117 -10.30 12.85 -4.34
CA ASN A 117 -10.52 13.58 -3.12
C ASN A 117 -11.75 13.16 -2.36
N ASN A 118 -11.57 12.99 -1.06
CA ASN A 118 -12.62 12.55 -0.14
C ASN A 118 -12.32 13.14 1.23
N GLN A 119 -13.12 12.76 2.21
CA GLN A 119 -12.88 13.12 3.60
C GLN A 119 -12.80 11.84 4.43
N ASP A 120 -11.75 11.75 5.25
CA ASP A 120 -11.52 10.61 6.12
C ASP A 120 -12.57 10.56 7.25
N LYS A 121 -13.26 9.43 7.36
CA LYS A 121 -14.32 9.24 8.37
C LYS A 121 -13.85 9.61 9.78
N ILE A 122 -12.82 8.92 10.26
CA ILE A 122 -12.33 9.06 11.63
C ILE A 122 -11.82 10.47 11.97
N THR A 123 -10.84 10.95 11.20
CA THR A 123 -10.20 12.25 11.47
C THR A 123 -10.97 13.47 10.94
N HIS A 124 -11.84 13.26 9.96
CA HIS A 124 -12.48 14.35 9.20
C HIS A 124 -11.46 15.21 8.40
N LEU A 125 -10.25 14.68 8.21
CA LEU A 125 -9.22 15.35 7.41
C LEU A 125 -9.44 15.02 5.94
N PRO A 126 -8.99 15.92 5.04
CA PRO A 126 -9.03 15.62 3.61
C PRO A 126 -8.12 14.45 3.26
N CYS A 127 -8.59 13.62 2.35
CA CYS A 127 -7.75 12.52 1.93
C CYS A 127 -7.97 12.25 0.46
N GLN A 128 -7.16 11.34 -0.07
CA GLN A 128 -7.37 10.83 -1.42
C GLN A 128 -7.54 9.34 -1.30
N SER A 129 -8.60 8.81 -1.89
CA SER A 129 -8.91 7.42 -1.66
C SER A 129 -9.60 6.79 -2.84
N VAL A 130 -9.66 5.47 -2.79
CA VAL A 130 -10.45 4.72 -3.77
C VAL A 130 -10.79 3.37 -3.16
N LYS A 131 -11.95 2.86 -3.55
CA LYS A 131 -12.41 1.58 -3.05
C LYS A 131 -12.45 0.61 -4.20
N GLY A 132 -11.95 -0.60 -3.94
CA GLY A 132 -12.03 -1.68 -4.90
C GLY A 132 -12.77 -2.84 -4.29
N SER A 133 -12.66 -3.99 -4.92
CA SER A 133 -13.51 -5.11 -4.59
C SER A 133 -13.17 -5.72 -3.22
N TRP A 134 -11.90 -5.70 -2.81
CA TRP A 134 -11.50 -6.25 -1.50
C TRP A 134 -10.64 -5.31 -0.62
N PHE A 135 -10.57 -4.05 -1.01
CA PHE A 135 -9.65 -3.13 -0.39
C PHE A 135 -10.13 -1.71 -0.54
N GLU A 136 -9.58 -0.84 0.29
CA GLU A 136 -9.75 0.61 0.10
C GLU A 136 -8.38 1.20 0.41
N ILE A 137 -7.89 2.07 -0.46
CA ILE A 137 -6.62 2.74 -0.20
C ILE A 137 -6.91 4.19 0.15
N VAL A 138 -6.27 4.67 1.22
CA VAL A 138 -6.45 6.03 1.70
C VAL A 138 -5.08 6.67 1.87
N MET A 139 -4.91 7.83 1.24
CA MET A 139 -3.68 8.61 1.40
C MET A 139 -4.05 9.92 2.03
N MET A 140 -3.37 10.31 3.10
CA MET A 140 -3.71 11.55 3.74
C MET A 140 -2.54 12.21 4.44
N LYS A 141 -2.60 13.51 4.53
CA LYS A 141 -1.63 14.30 5.24
C LYS A 141 -2.02 14.35 6.69
N ILE A 142 -1.11 14.01 7.58
CA ILE A 142 -1.29 14.18 9.00
C ILE A 142 -0.55 15.45 9.39
N PRO A 143 -1.30 16.54 9.71
CA PRO A 143 -0.60 17.81 10.00
C PRO A 143 0.29 17.73 11.23
N SER A 144 1.31 18.57 11.26
CA SER A 144 2.19 18.65 12.43
C SER A 144 1.32 18.88 13.68
N GLY A 145 1.59 18.08 14.70
CA GLY A 145 0.87 18.16 15.96
C GLY A 145 -0.43 17.38 16.04
N TYR A 146 -0.89 16.82 14.94
CA TYR A 146 -2.20 16.17 14.91
C TYR A 146 -2.14 14.79 15.56
N SER A 147 -3.18 14.48 16.34
CA SER A 147 -3.35 13.20 17.00
C SER A 147 -4.44 12.42 16.27
N ILE A 148 -4.06 11.32 15.60
CA ILE A 148 -5.05 10.40 15.05
C ILE A 148 -5.79 9.75 16.21
N PRO A 149 -7.11 9.97 16.30
CA PRO A 149 -7.79 9.44 17.49
C PRO A 149 -7.88 7.92 17.53
N PRO A 150 -8.05 7.36 18.75
CA PRO A 150 -8.22 5.94 18.90
C PRO A 150 -9.37 5.45 18.06
N HIS A 151 -9.15 4.34 17.36
CA HIS A 151 -10.21 3.74 16.58
CA HIS A 151 -10.18 3.74 16.57
C HIS A 151 -9.93 2.27 16.41
N GLN A 152 -11.02 1.55 16.25
CA GLN A 152 -11.02 0.04 16.16
CA GLN A 152 -10.89 0.14 15.99
C GLN A 152 -11.96 -0.25 15.04
N GLY A 153 -11.59 -1.05 14.05
CA GLY A 153 -12.50 -1.34 12.95
C GLY A 153 -12.61 -2.82 12.72
N GLU A 154 -13.65 -3.19 11.96
CA GLU A 154 -13.85 -4.56 11.55
C GLU A 154 -12.80 -4.98 10.55
N GLN A 155 -12.27 -4.01 9.80
CA GLN A 155 -11.35 -4.31 8.72
C GLN A 155 -9.92 -4.34 9.21
N GLU A 156 -9.12 -5.19 8.60
CA GLU A 156 -7.66 -5.18 8.79
C GLU A 156 -7.09 -3.95 8.12
N GLU A 157 -5.98 -3.45 8.63
CA GLU A 157 -5.38 -2.24 8.10
C GLU A 157 -3.86 -2.37 8.09
N ILE A 158 -3.28 -2.07 6.93
CA ILE A 158 -1.84 -1.91 6.80
C ILE A 158 -1.56 -0.47 6.50
N GLY A 159 -0.56 0.12 7.14
CA GLY A 159 -0.22 1.48 6.81
C GLY A 159 1.24 1.81 6.91
N PHE A 160 1.61 2.93 6.32
CA PHE A 160 2.98 3.40 6.36
C PHE A 160 3.03 4.86 5.98
N ILE A 161 4.15 5.48 6.24
CA ILE A 161 4.32 6.90 5.91
C ILE A 161 5.44 7.11 4.89
N LEU A 162 5.39 8.24 4.21
CA LEU A 162 6.32 8.54 3.11
C LEU A 162 7.47 9.47 3.51
N ASN A 163 7.33 10.06 4.69
CA ASN A 163 8.27 11.06 5.16
C ASN A 163 8.14 11.27 6.64
N GLY A 164 9.18 11.81 7.25
CA GLY A 164 9.16 12.19 8.64
C GLY A 164 9.07 10.98 9.55
N LYS A 165 8.45 11.19 10.70
CA LYS A 165 8.37 10.20 11.77
C LYS A 165 7.03 10.35 12.44
N LEU A 166 6.32 9.25 12.57
CA LEU A 166 4.97 9.27 13.13
C LEU A 166 4.89 8.24 14.26
N GLU A 167 4.37 8.63 15.43
CA GLU A 167 4.15 7.69 16.52
CA GLU A 167 4.16 7.72 16.48
C GLU A 167 2.89 6.92 16.24
N ILE A 168 2.91 5.61 16.29
CA ILE A 168 1.74 4.76 16.07
C ILE A 168 1.64 3.81 17.26
N PHE A 169 0.42 3.68 17.78
CA PHE A 169 0.12 2.74 18.85
C PHE A 169 -0.87 1.73 18.29
N ILE A 170 -0.55 0.46 18.43
CA ILE A 170 -1.46 -0.60 18.05
C ILE A 170 -1.61 -1.46 19.30
N GLU A 171 -2.84 -1.57 19.80
CA GLU A 171 -3.07 -2.25 21.06
C GLU A 171 -2.08 -1.69 22.14
N ASN A 172 -1.23 -2.52 22.69
CA ASN A 172 -0.28 -2.15 23.74
C ASN A 172 1.13 -1.80 23.28
N GLU A 173 1.34 -1.78 21.98
CA GLU A 173 2.67 -1.58 21.41
C GLU A 173 2.74 -0.20 20.79
N GLU A 174 3.92 0.39 20.86
CA GLU A 174 4.16 1.69 20.27
C GLU A 174 5.41 1.62 19.43
N GLN A 175 5.41 2.36 18.34
CA GLN A 175 6.62 2.51 17.55
C GLN A 175 6.63 3.83 16.81
N CYS A 176 7.78 4.45 16.71
CA CYS A 176 7.97 5.62 15.87
C CYS A 176 8.29 5.13 14.48
N LEU A 177 7.34 5.32 13.58
CA LEU A 177 7.44 4.82 12.23
C LEU A 177 8.09 5.84 11.33
N GLU A 178 8.87 5.33 10.39
CA GLU A 178 9.49 6.11 9.32
C GLU A 178 9.29 5.32 8.01
N TYR A 179 9.51 5.98 6.87
CA TYR A 179 9.44 5.27 5.60
C TYR A 179 10.34 4.04 5.65
N GLY A 180 9.81 2.92 5.14
CA GLY A 180 10.53 1.66 5.14
C GLY A 180 9.99 0.66 6.15
N GLN A 181 9.11 1.14 7.00
CA GLN A 181 8.45 0.33 7.97
C GLN A 181 6.94 0.37 7.72
N ILE A 182 6.24 -0.62 8.20
CA ILE A 182 4.78 -0.58 8.15
C ILE A 182 4.19 -0.92 9.50
N TYR A 183 2.92 -0.58 9.67
CA TYR A 183 2.15 -1.12 10.78
C TYR A 183 1.04 -2.02 10.25
N TYR A 184 0.64 -2.97 11.07
CA TYR A 184 -0.46 -3.83 10.73
C TYR A 184 -1.41 -3.91 11.91
N ALA A 185 -2.64 -3.53 11.69
CA ALA A 185 -3.67 -3.65 12.73
C ALA A 185 -4.66 -4.71 12.33
N PRO A 186 -4.63 -5.88 12.99
CA PRO A 186 -5.70 -6.84 12.75
C PRO A 186 -7.09 -6.30 13.05
N SER A 187 -8.08 -7.05 12.58
CA SER A 187 -9.48 -6.74 12.87
C SER A 187 -9.70 -6.51 14.36
N LYS A 188 -10.38 -5.41 14.66
CA LYS A 188 -10.84 -5.07 16.03
C LYS A 188 -9.75 -4.61 16.99
N VAL A 189 -8.53 -4.39 16.50
CA VAL A 189 -7.47 -3.92 17.38
C VAL A 189 -7.51 -2.39 17.41
N LEU A 190 -7.17 -1.84 18.56
CA LEU A 190 -7.17 -0.39 18.75
C LEU A 190 -5.93 0.24 18.11
N LYS A 191 -6.14 1.28 17.30
CA LYS A 191 -5.06 2.03 16.66
C LYS A 191 -5.17 3.50 17.02
N LYS A 192 -4.03 4.13 17.20
CA LYS A 192 -3.99 5.58 17.37
C LYS A 192 -2.61 6.06 17.00
N GLY A 193 -2.45 7.38 16.85
CA GLY A 193 -1.20 7.91 16.34
C GLY A 193 -1.06 9.38 16.62
N TYR A 194 0.17 9.87 16.46
CA TYR A 194 0.44 11.26 16.80
C TYR A 194 1.66 11.71 16.01
N ASN A 195 1.48 12.82 15.30
CA ASN A 195 2.56 13.49 14.61
C ASN A 195 3.16 14.58 15.54
N SER A 196 4.19 14.20 16.27
CA SER A 196 4.91 15.11 17.12
C SER A 196 6.03 15.87 16.36
N SER A 197 6.18 15.62 15.07
CA SER A 197 7.20 16.30 14.27
C SER A 197 6.75 17.70 13.81
N ASN A 198 7.69 18.46 13.26
CA ASN A 198 7.43 19.81 12.78
C ASN A 198 6.93 19.84 11.34
N GLN A 199 6.77 18.66 10.74
CA GLN A 199 6.35 18.53 9.34
C GLN A 199 5.03 17.79 9.17
N ASP A 200 4.33 18.10 8.10
CA ASP A 200 3.14 17.34 7.69
C ASP A 200 3.62 15.99 7.15
N ILE A 201 2.97 14.93 7.59
CA ILE A 201 3.36 13.56 7.22
C ILE A 201 2.31 12.96 6.31
N ASN A 202 2.77 12.36 5.22
CA ASN A 202 1.91 11.69 4.27
C ASN A 202 1.81 10.25 4.64
N LEU A 203 0.60 9.78 4.90
CA LEU A 203 0.32 8.46 5.40
CA LEU A 203 0.29 8.46 5.37
C LEU A 203 -0.52 7.73 4.33
N ILE A 204 -0.17 6.49 4.08
CA ILE A 204 -0.96 5.63 3.20
C ILE A 204 -1.46 4.46 4.01
N LYS A 205 -2.75 4.19 3.93
CA LYS A 205 -3.30 2.99 4.56
C LYS A 205 -4.14 2.20 3.59
N ILE A 206 -4.12 0.90 3.82
CA ILE A 206 -4.92 0.00 3.03
C ILE A 206 -5.82 -0.75 4.01
N LEU A 207 -7.12 -0.61 3.77
CA LEU A 207 -8.13 -1.31 4.54
C LEU A 207 -8.55 -2.54 3.75
N ILE A 208 -8.52 -3.71 4.41
CA ILE A 208 -8.73 -5.00 3.73
C ILE A 208 -10.09 -5.47 4.11
N LEU A 209 -10.92 -5.72 3.08
CA LEU A 209 -12.40 -5.80 3.13
C LEU A 209 -12.94 -7.22 2.88
N GLU A 210 -12.32 -8.23 3.47
CA GLU A 210 -11.23 -8.02 4.38
FE FE2 B . 2.44 -10.37 -9.09
C1 PGE C . 6.44 -5.22 -8.35
C1 PGE C . 5.63 -2.89 -6.33
O1 PGE C . 5.10 -5.56 -8.01
O1 PGE C . 5.90 -3.43 -5.04
C2 PGE C . 6.62 -3.77 -7.95
C2 PGE C . 5.16 -4.01 -7.21
O2 PGE C . 5.49 -3.47 -7.11
O2 PGE C . 4.37 -3.49 -8.21
C3 PGE C . 4.53 -3.22 -8.09
C3 PGE C . 4.94 -2.29 -8.62
C4 PGE C . 4.56 -1.72 -8.06
C4 PGE C . 4.65 -1.25 -7.60
O3 PGE C . 3.42 -1.35 -7.33
O3 PGE C . 3.31 -1.44 -7.28
#